data_6XA4
#
_entry.id   6XA4
#
_cell.length_a   113.538
_cell.length_b   54.204
_cell.length_c   45.414
_cell.angle_alpha   90.000
_cell.angle_beta   100.710
_cell.angle_gamma   90.000
#
_symmetry.space_group_name_H-M   'C 1 2 1'
#
loop_
_entity.id
_entity.type
_entity.pdbx_description
1 polymer '3C-like proteinase'
2 polymer 'inhibitor UAW241'
3 non-polymer GLYCEROL
4 water water
#
loop_
_entity_poly.entity_id
_entity_poly.type
_entity_poly.pdbx_seq_one_letter_code
_entity_poly.pdbx_strand_id
1 'polypeptide(L)'
;HMSGFRKMAFPSGKVEGCMVQVTCGTTTLNGLWLDDVVYCPRHVICTSEDMLNPNYEDLLIRKSNHNFLVQAGNVQLRVI
GHSMQNCVLKLKVDTANPKTPKYKFVRIQPGQTFSVLACYNGSPSGVYQCAMRPNFTIKGSFLNGSCGSVGFNIDYDCVS
FCYMHHMELPTGVHAGTDLEGNFYGPFVDRQTAQAAGTDTTITVNVLAWLYAAVINGDRWFLNRFTTTLNDFNLVAMKYN
YEPLTQDHVDILGPLSAQTGIAVLDMCASLKELLQNGMNGRTILGSALLEDEFTPFDVVRQCSGVTFQ
;
A
2 'polypeptide(L)' (ACE)LL(UXS) B
#
# COMPACT_ATOMS: atom_id res chain seq x y z
N GLY A 4 -11.57 20.73 6.93
CA GLY A 4 -10.20 20.13 7.03
C GLY A 4 -10.21 18.65 6.68
N PHE A 5 -9.28 18.23 5.82
CA PHE A 5 -9.23 16.88 5.21
C PHE A 5 -7.79 16.52 4.81
N ARG A 6 -7.19 15.54 5.49
CA ARG A 6 -5.75 15.19 5.44
C ARG A 6 -5.57 13.74 4.93
N LYS A 7 -4.43 13.40 4.33
CA LYS A 7 -4.01 11.97 4.22
C LYS A 7 -3.74 11.45 5.63
N MET A 8 -4.58 10.53 6.11
CA MET A 8 -4.50 10.02 7.51
C MET A 8 -4.10 8.56 7.47
N ALA A 9 -3.12 8.18 8.28
CA ALA A 9 -2.69 6.78 8.45
C ALA A 9 -3.46 6.17 9.60
N PHE A 10 -3.59 4.85 9.61
CA PHE A 10 -4.05 4.13 10.82
C PHE A 10 -3.02 4.30 11.93
N PRO A 11 -3.48 4.27 13.21
CA PRO A 11 -2.57 4.21 14.34
C PRO A 11 -1.66 2.97 14.19
N SER A 12 -0.39 3.12 14.52
CA SER A 12 0.68 2.16 14.14
C SER A 12 1.12 1.25 15.29
N GLY A 13 0.63 1.51 16.50
CA GLY A 13 1.11 0.84 17.73
C GLY A 13 1.19 -0.67 17.59
N LYS A 14 0.12 -1.27 17.10
CA LYS A 14 -0.03 -2.75 17.06
C LYS A 14 0.97 -3.38 16.10
N VAL A 15 1.39 -2.63 15.07
CA VAL A 15 2.45 -3.07 14.12
C VAL A 15 3.83 -2.77 14.71
N GLU A 16 4.00 -1.66 15.42
CA GLU A 16 5.32 -1.27 15.97
C GLU A 16 5.87 -2.44 16.80
N GLY A 17 5.04 -3.06 17.62
CA GLY A 17 5.51 -4.14 18.52
C GLY A 17 5.87 -5.43 17.76
N CYS A 18 5.61 -5.50 16.45
CA CYS A 18 5.91 -6.66 15.58
C CYS A 18 7.21 -6.45 14.80
N MET A 19 7.78 -5.25 14.79
CA MET A 19 8.91 -4.94 13.89
C MET A 19 10.23 -5.38 14.55
N VAL A 20 11.07 -6.05 13.76
CA VAL A 20 12.38 -6.59 14.20
C VAL A 20 13.41 -6.35 13.10
N GLN A 21 14.67 -6.53 13.46
CA GLN A 21 15.80 -6.40 12.52
C GLN A 21 16.21 -7.82 12.10
N VAL A 22 16.57 -7.98 10.83
CA VAL A 22 17.01 -9.29 10.27
C VAL A 22 18.29 -9.00 9.50
N THR A 23 19.40 -9.59 9.94
CA THR A 23 20.70 -9.44 9.28
C THR A 23 21.10 -10.81 8.76
N CYS A 24 21.59 -10.81 7.53
CA CYS A 24 22.23 -11.96 6.87
C CYS A 24 23.47 -11.42 6.16
N GLY A 25 24.65 -11.76 6.66
CA GLY A 25 25.92 -11.15 6.22
C GLY A 25 25.92 -9.66 6.51
N THR A 26 26.15 -8.84 5.48
CA THR A 26 26.23 -7.36 5.58
C THR A 26 24.86 -6.76 5.24
N THR A 27 23.87 -7.57 4.84
CA THR A 27 22.50 -7.11 4.49
C THR A 27 21.63 -7.06 5.76
N THR A 28 21.18 -5.87 6.15
CA THR A 28 20.16 -5.72 7.21
C THR A 28 18.87 -5.21 6.55
N LEU A 29 17.75 -5.81 6.92
CA LEU A 29 16.43 -5.21 6.61
C LEU A 29 15.47 -5.55 7.77
N ASN A 30 14.17 -5.37 7.58
CA ASN A 30 13.19 -5.54 8.67
C ASN A 30 12.44 -6.84 8.50
N GLY A 31 11.93 -7.37 9.62
CA GLY A 31 10.99 -8.50 9.62
C GLY A 31 9.78 -8.20 10.50
N LEU A 32 8.77 -9.02 10.33
CA LEU A 32 7.45 -8.95 10.99
C LEU A 32 7.33 -10.18 11.87
N TRP A 33 7.34 -9.94 13.17
CA TRP A 33 7.36 -11.01 14.21
C TRP A 33 5.94 -11.26 14.69
N LEU A 34 5.30 -12.31 14.20
CA LEU A 34 3.95 -12.69 14.65
C LEU A 34 4.02 -14.09 15.26
N ASP A 35 3.48 -14.28 16.46
CA ASP A 35 3.60 -15.60 17.14
C ASP A 35 5.09 -15.97 17.10
N ASP A 36 5.46 -17.19 16.72
CA ASP A 36 6.90 -17.57 16.78
C ASP A 36 7.53 -17.57 15.37
N VAL A 37 7.04 -16.72 14.45
CA VAL A 37 7.54 -16.67 13.04
C VAL A 37 7.90 -15.22 12.71
N VAL A 38 9.11 -14.99 12.18
CA VAL A 38 9.53 -13.68 11.60
C VAL A 38 9.45 -13.80 10.08
N TYR A 39 8.66 -12.92 9.46
CA TYR A 39 8.48 -12.87 7.98
C TYR A 39 9.37 -11.76 7.43
N CYS A 40 10.13 -12.01 6.37
CA CYS A 40 10.97 -10.96 5.76
C CYS A 40 11.19 -11.28 4.29
N PRO A 41 11.60 -10.29 3.48
CA PRO A 41 11.94 -10.54 2.09
C PRO A 41 13.03 -11.61 1.97
N ARG A 42 12.85 -12.56 1.06
CA ARG A 42 13.87 -13.63 0.88
C ARG A 42 15.18 -13.07 0.32
N HIS A 43 15.23 -11.88 -0.33
CA HIS A 43 16.49 -11.33 -0.88
C HIS A 43 17.48 -10.95 0.24
N VAL A 44 17.09 -11.06 1.51
CA VAL A 44 18.03 -10.86 2.65
C VAL A 44 19.19 -11.86 2.46
N ILE A 45 18.96 -13.00 1.82
CA ILE A 45 20.00 -14.08 1.78
C ILE A 45 20.98 -13.81 0.65
N CYS A 46 20.73 -12.82 -0.20
CA CYS A 46 21.56 -12.57 -1.41
C CYS A 46 22.83 -11.79 -1.04
N THR A 47 23.90 -12.10 -1.76
CA THR A 47 25.09 -11.22 -1.76
C THR A 47 24.87 -10.19 -2.88
N SER A 48 25.68 -9.13 -2.96
CA SER A 48 25.54 -8.10 -4.02
C SER A 48 25.44 -8.75 -5.41
N GLU A 49 26.37 -9.67 -5.66
CA GLU A 49 26.46 -10.53 -6.87
C GLU A 49 25.19 -11.37 -7.08
N ASP A 50 24.73 -12.12 -6.09
CA ASP A 50 23.56 -13.01 -6.26
C ASP A 50 22.36 -12.26 -6.84
N MET A 51 22.27 -10.94 -6.63
CA MET A 51 21.03 -10.13 -6.81
C MET A 51 20.67 -9.98 -8.31
N LEU A 52 21.64 -10.13 -9.21
CA LEU A 52 21.41 -10.03 -10.67
C LEU A 52 20.49 -11.16 -11.13
N ASN A 53 20.74 -12.40 -10.69
CA ASN A 53 20.00 -13.60 -11.17
C ASN A 53 20.05 -14.68 -10.10
N PRO A 54 19.48 -14.43 -8.91
CA PRO A 54 19.62 -15.33 -7.77
C PRO A 54 18.85 -16.63 -8.02
N ASN A 55 19.47 -17.77 -7.67
CA ASN A 55 18.78 -19.08 -7.57
C ASN A 55 18.43 -19.23 -6.09
N TYR A 56 17.25 -18.77 -5.68
CA TYR A 56 16.92 -18.66 -4.24
C TYR A 56 16.92 -20.04 -3.59
N GLU A 57 16.50 -21.08 -4.31
CA GLU A 57 16.45 -22.47 -3.76
C GLU A 57 17.87 -22.86 -3.33
N ASP A 58 18.84 -22.65 -4.20
CA ASP A 58 20.25 -23.03 -3.95
C ASP A 58 20.83 -22.13 -2.86
N LEU A 59 20.52 -20.83 -2.88
CA LEU A 59 21.05 -19.90 -1.88
C LEU A 59 20.53 -20.28 -0.50
N LEU A 60 19.25 -20.66 -0.38
CA LEU A 60 18.65 -20.94 0.94
C LEU A 60 19.25 -22.23 1.52
N ILE A 61 19.51 -23.20 0.65
CA ILE A 61 20.18 -24.47 1.04
C ILE A 61 21.53 -24.15 1.70
N ARG A 62 22.29 -23.18 1.16
CA ARG A 62 23.60 -22.70 1.70
C ARG A 62 23.46 -22.21 3.15
N LYS A 63 22.30 -21.68 3.54
CA LYS A 63 22.11 -20.94 4.80
C LYS A 63 21.76 -21.89 5.94
N SER A 64 22.26 -21.54 7.11
CA SER A 64 21.95 -22.17 8.41
C SER A 64 21.14 -21.17 9.25
N ASN A 65 20.40 -21.67 10.23
CA ASN A 65 19.68 -20.82 11.21
C ASN A 65 20.66 -19.77 11.74
N HIS A 66 21.92 -20.15 12.03
CA HIS A 66 22.93 -19.25 12.63
C HIS A 66 23.37 -18.11 11.69
N ASN A 67 23.06 -18.15 10.39
CA ASN A 67 23.40 -17.07 9.43
C ASN A 67 22.39 -15.91 9.51
N PHE A 68 21.31 -16.08 10.27
CA PHE A 68 20.25 -15.04 10.47
C PHE A 68 20.33 -14.44 11.88
N LEU A 69 20.71 -13.17 11.99
CA LEU A 69 20.76 -12.43 13.27
C LEU A 69 19.50 -11.56 13.34
N VAL A 70 18.61 -11.91 14.25
CA VAL A 70 17.26 -11.27 14.44
C VAL A 70 17.29 -10.57 15.80
N GLN A 71 17.10 -9.26 15.81
CA GLN A 71 17.00 -8.52 17.08
C GLN A 71 15.61 -7.88 17.16
N ALA A 72 14.98 -7.97 18.33
CA ALA A 72 13.71 -7.30 18.67
C ALA A 72 14.10 -6.23 19.68
N GLY A 73 14.50 -5.07 19.21
CA GLY A 73 15.03 -4.10 20.16
C GLY A 73 16.28 -4.69 20.78
N ASN A 74 16.31 -4.82 22.10
CA ASN A 74 17.45 -5.38 22.84
C ASN A 74 17.58 -6.90 22.68
N VAL A 75 16.47 -7.62 22.76
CA VAL A 75 16.50 -9.12 22.73
C VAL A 75 17.12 -9.66 21.43
N GLN A 76 18.06 -10.61 21.55
CA GLN A 76 18.43 -11.38 20.33
C GLN A 76 17.55 -12.63 20.29
N LEU A 77 16.72 -12.73 19.25
CA LEU A 77 15.79 -13.84 18.97
C LEU A 77 16.57 -14.96 18.28
N ARG A 78 16.50 -16.19 18.80
CA ARG A 78 17.19 -17.36 18.21
C ARG A 78 16.28 -17.95 17.13
N VAL A 79 16.80 -18.03 15.90
CA VAL A 79 16.13 -18.67 14.74
C VAL A 79 16.32 -20.19 14.90
N ILE A 80 15.22 -20.94 14.84
CA ILE A 80 15.26 -22.42 15.10
C ILE A 80 14.82 -23.16 13.82
N GLY A 81 14.41 -22.42 12.79
CA GLY A 81 13.97 -22.99 11.51
C GLY A 81 13.87 -21.90 10.46
N HIS A 82 14.13 -22.23 9.20
CA HIS A 82 14.00 -21.27 8.07
C HIS A 82 13.32 -22.00 6.92
N SER A 83 12.41 -21.32 6.23
CA SER A 83 11.73 -21.86 5.05
C SER A 83 11.33 -20.70 4.14
N MET A 84 11.03 -21.03 2.89
CA MET A 84 10.68 -20.04 1.85
C MET A 84 9.23 -20.27 1.45
N GLN A 85 8.40 -19.22 1.48
CA GLN A 85 7.06 -19.24 0.84
C GLN A 85 7.06 -18.15 -0.25
N ASN A 86 7.02 -18.53 -1.52
CA ASN A 86 7.09 -17.57 -2.65
C ASN A 86 8.32 -16.68 -2.37
N CYS A 87 8.15 -15.37 -2.33
CA CYS A 87 9.25 -14.38 -2.14
C CYS A 87 9.47 -14.00 -0.67
N VAL A 88 8.84 -14.68 0.29
N VAL A 88 8.95 -14.77 0.28
CA VAL A 88 9.07 -14.41 1.74
CA VAL A 88 9.02 -14.44 1.72
C VAL A 88 9.85 -15.58 2.36
C VAL A 88 9.69 -15.58 2.51
N LEU A 89 10.64 -15.20 3.35
CA LEU A 89 11.36 -16.12 4.26
C LEU A 89 10.54 -16.14 5.54
N LYS A 90 10.25 -17.32 6.07
CA LYS A 90 9.68 -17.48 7.42
C LYS A 90 10.79 -18.02 8.31
N LEU A 91 11.17 -17.26 9.33
CA LEU A 91 12.23 -17.62 10.30
C LEU A 91 11.53 -18.03 11.58
N LYS A 92 11.44 -19.34 11.84
CA LYS A 92 10.84 -19.85 13.10
C LYS A 92 11.77 -19.44 14.23
N VAL A 93 11.25 -18.78 15.27
CA VAL A 93 12.09 -18.29 16.40
C VAL A 93 11.65 -19.02 17.67
N ASP A 94 12.49 -19.00 18.71
CA ASP A 94 12.25 -19.78 19.97
C ASP A 94 11.20 -19.09 20.86
N THR A 95 10.86 -17.82 20.60
CA THR A 95 9.93 -17.01 21.45
C THR A 95 8.73 -16.54 20.63
N ALA A 96 7.50 -16.75 21.11
CA ALA A 96 6.29 -16.11 20.54
C ALA A 96 6.35 -14.63 20.92
N ASN A 97 5.95 -13.75 19.99
CA ASN A 97 5.90 -12.29 20.26
C ASN A 97 4.78 -12.05 21.27
N PRO A 98 5.08 -11.53 22.48
CA PRO A 98 4.04 -11.27 23.48
C PRO A 98 3.18 -10.08 23.04
N LYS A 99 3.70 -9.28 22.10
CA LYS A 99 3.04 -8.07 21.54
C LYS A 99 2.27 -8.44 20.27
N THR A 100 2.12 -9.73 19.94
CA THR A 100 1.34 -10.15 18.74
C THR A 100 -0.06 -9.58 18.88
N PRO A 101 -0.52 -8.73 17.93
CA PRO A 101 -1.90 -8.29 17.89
C PRO A 101 -2.73 -9.37 17.20
N LYS A 102 -4.06 -9.28 17.27
CA LYS A 102 -4.97 -10.02 16.38
C LYS A 102 -4.67 -9.56 14.94
N TYR A 103 -4.58 -10.47 13.98
CA TYR A 103 -4.17 -10.13 12.59
C TYR A 103 -4.74 -11.10 11.57
N LYS A 104 -4.67 -10.67 10.31
CA LYS A 104 -5.04 -11.42 9.09
C LYS A 104 -4.01 -11.07 8.00
N PHE A 105 -3.77 -11.99 7.09
CA PHE A 105 -3.06 -11.65 5.83
C PHE A 105 -4.09 -11.51 4.73
N VAL A 106 -4.08 -10.37 4.05
CA VAL A 106 -5.04 -10.10 2.94
C VAL A 106 -4.27 -9.62 1.70
N ARG A 107 -4.78 -10.02 0.56
CA ARG A 107 -4.26 -9.57 -0.74
C ARG A 107 -5.21 -8.46 -1.20
N ILE A 108 -4.73 -7.24 -1.24
CA ILE A 108 -5.61 -6.11 -1.61
C ILE A 108 -5.77 -5.99 -3.13
N GLN A 109 -6.80 -5.23 -3.50
CA GLN A 109 -7.13 -4.88 -4.88
C GLN A 109 -6.42 -3.57 -5.23
N PRO A 110 -6.08 -3.43 -6.53
CA PRO A 110 -5.58 -2.16 -7.07
C PRO A 110 -6.65 -1.09 -6.83
N GLY A 111 -6.21 0.09 -6.40
CA GLY A 111 -7.12 1.19 -6.06
C GLY A 111 -7.38 1.27 -4.57
N GLN A 112 -7.04 0.22 -3.80
CA GLN A 112 -7.29 0.26 -2.33
CA GLN A 112 -7.27 0.20 -2.33
C GLN A 112 -6.08 0.92 -1.65
N THR A 113 -6.30 1.45 -0.48
CA THR A 113 -5.28 2.17 0.30
C THR A 113 -4.90 1.33 1.53
N PHE A 114 -3.76 1.68 2.09
CA PHE A 114 -3.24 1.06 3.31
C PHE A 114 -2.23 2.03 3.91
N SER A 115 -1.91 1.80 5.17
CA SER A 115 -0.88 2.55 5.92
C SER A 115 0.43 1.77 5.81
N VAL A 116 1.54 2.48 5.67
CA VAL A 116 2.89 1.86 5.69
C VAL A 116 3.58 2.35 6.95
N LEU A 117 4.16 1.43 7.71
CA LEU A 117 5.09 1.79 8.79
C LEU A 117 6.49 1.59 8.25
N ALA A 118 7.10 2.69 7.81
CA ALA A 118 8.47 2.69 7.25
C ALA A 118 9.43 2.43 8.41
N CYS A 119 10.29 1.42 8.25
CA CYS A 119 11.22 0.93 9.29
C CYS A 119 12.64 0.85 8.74
N TYR A 120 13.63 1.13 9.59
CA TYR A 120 15.09 0.93 9.32
C TYR A 120 15.68 0.23 10.55
N ASN A 121 16.42 -0.87 10.34
CA ASN A 121 17.12 -1.58 11.44
C ASN A 121 16.11 -2.16 12.44
N GLY A 122 14.89 -2.47 11.99
CA GLY A 122 13.84 -3.02 12.86
C GLY A 122 13.21 -1.96 13.76
N SER A 123 13.52 -0.69 13.54
CA SER A 123 12.94 0.46 14.28
C SER A 123 11.99 1.25 13.38
N PRO A 124 10.74 1.47 13.84
CA PRO A 124 9.82 2.37 13.15
C PRO A 124 10.36 3.80 12.99
N SER A 125 10.26 4.36 11.79
CA SER A 125 10.64 5.75 11.49
C SER A 125 9.37 6.59 11.31
N GLY A 126 8.33 6.05 10.70
CA GLY A 126 7.15 6.89 10.40
C GLY A 126 6.05 6.14 9.68
N VAL A 127 4.87 6.76 9.62
CA VAL A 127 3.66 6.07 9.11
C VAL A 127 2.99 7.02 8.12
N TYR A 128 2.54 6.46 7.00
CA TYR A 128 1.87 7.28 5.96
C TYR A 128 0.93 6.36 5.16
N GLN A 129 -0.04 6.98 4.50
CA GLN A 129 -1.01 6.28 3.62
C GLN A 129 -0.46 6.17 2.22
N CYS A 130 -0.75 5.02 1.59
CA CYS A 130 -0.36 4.64 0.22
C CYS A 130 -1.60 4.11 -0.48
N ALA A 131 -1.65 4.21 -1.79
CA ALA A 131 -2.60 3.40 -2.59
C ALA A 131 -1.79 2.33 -3.35
N MET A 132 -2.42 1.18 -3.58
CA MET A 132 -2.01 0.23 -4.63
C MET A 132 -2.45 0.82 -5.99
N ARG A 133 -1.49 1.20 -6.80
CA ARG A 133 -1.75 1.83 -8.11
C ARG A 133 -2.41 0.77 -8.96
N PRO A 134 -3.23 1.16 -9.96
CA PRO A 134 -3.75 0.18 -10.91
C PRO A 134 -2.70 -0.71 -11.59
N ASN A 135 -1.46 -0.23 -11.71
CA ASN A 135 -0.34 -1.02 -12.28
C ASN A 135 0.46 -1.76 -11.18
N PHE A 136 -0.08 -1.90 -9.97
CA PHE A 136 0.41 -2.79 -8.88
C PHE A 136 1.77 -2.33 -8.37
N THR A 137 2.03 -1.05 -8.52
CA THR A 137 3.15 -0.35 -7.84
C THR A 137 2.60 0.50 -6.72
N ILE A 138 3.49 1.00 -5.86
CA ILE A 138 3.06 2.00 -4.87
C ILE A 138 4.05 3.16 -4.93
N LYS A 139 3.55 4.36 -4.71
CA LYS A 139 4.37 5.61 -4.64
C LYS A 139 4.64 5.83 -3.17
N GLY A 140 5.62 5.12 -2.65
CA GLY A 140 5.97 5.23 -1.24
C GLY A 140 7.13 6.16 -1.03
N SER A 141 7.58 6.21 0.20
CA SER A 141 8.82 6.88 0.67
C SER A 141 9.65 5.81 1.40
N PHE A 142 10.73 5.37 0.80
CA PHE A 142 11.54 4.23 1.28
C PHE A 142 12.99 4.48 0.91
N LEU A 143 13.86 4.41 1.90
CA LEU A 143 15.33 4.50 1.72
C LEU A 143 15.89 3.08 1.73
N ASN A 144 17.17 2.94 1.38
CA ASN A 144 17.92 1.68 1.60
C ASN A 144 17.64 1.15 3.00
N GLY A 145 17.40 -0.15 3.13
CA GLY A 145 17.16 -0.86 4.40
C GLY A 145 15.71 -0.84 4.86
N SER A 146 14.82 -0.21 4.09
CA SER A 146 13.35 -0.15 4.37
C SER A 146 12.68 -1.48 4.03
N CYS A 147 13.34 -2.37 3.29
CA CYS A 147 12.72 -3.67 2.93
C CYS A 147 12.19 -4.41 4.17
N GLY A 148 11.05 -5.08 4.01
CA GLY A 148 10.39 -5.74 5.14
C GLY A 148 9.45 -4.84 5.92
N SER A 149 9.44 -3.53 5.68
CA SER A 149 8.40 -2.61 6.17
C SER A 149 7.08 -3.13 5.60
N VAL A 150 5.98 -3.00 6.34
CA VAL A 150 4.68 -3.58 5.90
C VAL A 150 3.64 -2.49 5.78
N GLY A 151 2.67 -2.78 4.93
CA GLY A 151 1.42 -2.04 4.77
C GLY A 151 0.28 -2.84 5.39
N PHE A 152 -0.70 -2.12 5.89
CA PHE A 152 -1.78 -2.68 6.72
C PHE A 152 -3.00 -1.75 6.74
N ASN A 153 -4.11 -2.38 7.06
CA ASN A 153 -5.36 -1.72 7.47
C ASN A 153 -5.73 -2.24 8.85
N ILE A 154 -6.55 -1.49 9.58
CA ILE A 154 -7.11 -2.00 10.87
C ILE A 154 -8.63 -2.03 10.67
N ASP A 155 -9.29 -3.15 10.97
CA ASP A 155 -10.76 -3.18 11.14
C ASP A 155 -11.05 -3.58 12.58
N TYR A 156 -11.93 -2.84 13.24
CA TYR A 156 -12.34 -3.10 14.64
C TYR A 156 -11.04 -3.16 15.45
N ASP A 157 -10.54 -4.36 15.79
CA ASP A 157 -9.30 -4.54 16.59
C ASP A 157 -8.28 -5.41 15.85
N CYS A 158 -8.53 -5.74 14.58
CA CYS A 158 -7.74 -6.74 13.80
C CYS A 158 -6.82 -6.02 12.80
N VAL A 159 -5.51 -6.30 12.84
CA VAL A 159 -4.57 -5.79 11.81
C VAL A 159 -4.61 -6.69 10.58
N SER A 160 -4.91 -6.13 9.41
CA SER A 160 -4.93 -6.85 8.10
C SER A 160 -3.67 -6.42 7.35
N PHE A 161 -2.63 -7.25 7.41
CA PHE A 161 -1.37 -7.03 6.67
C PHE A 161 -1.65 -7.28 5.20
N CYS A 162 -1.27 -6.37 4.28
CA CYS A 162 -1.54 -6.52 2.84
C CYS A 162 -0.26 -6.32 2.02
N TYR A 163 0.82 -5.78 2.60
CA TYR A 163 2.00 -5.43 1.78
C TYR A 163 3.28 -5.66 2.58
N MET A 164 4.30 -6.19 1.92
CA MET A 164 5.69 -6.14 2.47
C MET A 164 6.60 -5.57 1.39
N HIS A 165 7.44 -4.60 1.74
CA HIS A 165 8.27 -3.87 0.77
C HIS A 165 9.47 -4.72 0.34
N HIS A 166 9.73 -4.80 -0.97
CA HIS A 166 10.90 -5.50 -1.56
C HIS A 166 11.80 -4.63 -2.42
N MET A 167 11.29 -3.67 -3.18
CA MET A 167 12.15 -3.08 -4.25
C MET A 167 11.64 -1.74 -4.75
N GLU A 168 12.59 -0.99 -5.33
CA GLU A 168 12.32 0.26 -6.07
C GLU A 168 12.51 -0.02 -7.55
N LEU A 169 11.58 0.44 -8.37
CA LEU A 169 11.64 0.29 -9.84
C LEU A 169 12.41 1.47 -10.41
N PRO A 170 12.91 1.32 -11.66
CA PRO A 170 13.62 2.39 -12.35
C PRO A 170 12.94 3.75 -12.21
N THR A 171 11.61 3.77 -12.37
CA THR A 171 10.78 4.99 -12.34
C THR A 171 10.77 5.63 -10.94
N GLY A 172 11.32 4.97 -9.90
CA GLY A 172 11.29 5.46 -8.50
C GLY A 172 10.01 5.08 -7.77
N VAL A 173 9.13 4.29 -8.38
CA VAL A 173 7.97 3.71 -7.64
C VAL A 173 8.43 2.41 -6.99
N HIS A 174 7.55 1.78 -6.21
CA HIS A 174 7.92 0.66 -5.30
C HIS A 174 7.10 -0.58 -5.64
N ALA A 175 7.68 -1.73 -5.38
CA ALA A 175 7.02 -3.05 -5.57
C ALA A 175 7.29 -3.95 -4.38
N GLY A 176 6.36 -4.85 -4.14
CA GLY A 176 6.40 -5.73 -2.97
C GLY A 176 5.33 -6.80 -3.07
N THR A 177 5.20 -7.52 -1.98
CA THR A 177 4.41 -8.77 -2.00
C THR A 177 3.26 -8.61 -1.01
N ASP A 178 2.34 -9.56 -1.07
CA ASP A 178 1.47 -9.84 0.09
C ASP A 178 2.30 -10.63 1.14
N LEU A 179 1.70 -10.97 2.27
CA LEU A 179 2.47 -11.58 3.39
C LEU A 179 2.62 -13.08 3.15
N GLU A 180 2.01 -13.63 2.09
CA GLU A 180 2.30 -14.98 1.58
C GLU A 180 3.44 -14.94 0.55
N GLY A 181 4.07 -13.78 0.31
CA GLY A 181 5.24 -13.71 -0.59
C GLY A 181 4.93 -13.57 -2.08
N ASN A 182 3.68 -13.38 -2.49
CA ASN A 182 3.32 -13.21 -3.91
C ASN A 182 3.44 -11.72 -4.26
N PHE A 183 4.28 -11.38 -5.23
CA PHE A 183 4.34 -10.00 -5.72
C PHE A 183 2.94 -9.53 -6.14
N TYR A 184 2.69 -8.28 -5.86
CA TYR A 184 1.70 -7.48 -6.61
C TYR A 184 2.30 -7.10 -7.94
N GLY A 185 1.58 -7.41 -9.01
CA GLY A 185 2.03 -7.08 -10.39
C GLY A 185 3.06 -8.05 -10.94
N PRO A 186 3.65 -7.74 -12.10
CA PRO A 186 4.56 -8.65 -12.81
C PRO A 186 5.99 -8.78 -12.26
N PHE A 187 6.28 -8.13 -11.15
CA PHE A 187 7.66 -7.94 -10.67
C PHE A 187 8.23 -9.24 -10.10
N VAL A 188 9.56 -9.33 -10.22
CA VAL A 188 10.39 -10.43 -9.62
C VAL A 188 11.46 -9.79 -8.74
N ASP A 189 11.91 -10.56 -7.73
CA ASP A 189 12.93 -10.08 -6.76
C ASP A 189 14.30 -10.41 -7.33
N ARG A 190 14.66 -9.62 -8.32
CA ARG A 190 15.88 -9.74 -9.12
C ARG A 190 16.27 -8.31 -9.45
N GLN A 191 17.56 -7.99 -9.37
CA GLN A 191 18.03 -6.62 -9.65
C GLN A 191 18.21 -6.52 -11.16
N THR A 192 17.10 -6.34 -11.85
CA THR A 192 17.00 -6.29 -13.33
C THR A 192 16.03 -5.14 -13.64
N ALA A 193 16.21 -4.49 -14.79
CA ALA A 193 15.28 -3.50 -15.35
C ALA A 193 13.91 -4.17 -15.53
N GLN A 194 12.87 -3.64 -14.88
CA GLN A 194 11.51 -4.22 -14.98
C GLN A 194 10.50 -3.09 -15.24
N ALA A 195 9.70 -3.28 -16.27
CA ALA A 195 8.66 -2.32 -16.72
C ALA A 195 7.44 -2.45 -15.80
N ALA A 196 6.95 -1.35 -15.28
CA ALA A 196 5.58 -1.26 -14.72
C ALA A 196 4.64 -0.96 -15.89
N GLY A 197 3.41 -1.42 -15.85
CA GLY A 197 2.50 -1.03 -16.94
C GLY A 197 2.34 0.49 -16.99
N THR A 198 1.70 0.97 -18.04
CA THR A 198 1.00 2.27 -18.00
C THR A 198 0.15 2.33 -16.74
N ASP A 199 0.26 3.41 -16.00
CA ASP A 199 -0.62 3.56 -14.82
C ASP A 199 -1.82 4.38 -15.25
N THR A 200 -2.92 4.21 -14.56
CA THR A 200 -4.15 5.00 -14.78
C THR A 200 -4.54 5.66 -13.46
N THR A 201 -5.43 6.65 -13.52
CA THR A 201 -5.98 7.34 -12.35
C THR A 201 -7.20 6.56 -11.88
N ILE A 202 -7.30 6.44 -10.56
CA ILE A 202 -8.36 5.65 -9.91
C ILE A 202 -9.58 6.55 -9.82
N THR A 203 -10.46 6.43 -10.81
CA THR A 203 -11.64 7.30 -10.98
C THR A 203 -12.54 7.32 -9.75
N VAL A 204 -12.92 6.18 -9.21
CA VAL A 204 -13.84 6.10 -8.05
C VAL A 204 -13.22 6.90 -6.89
N ASN A 205 -11.89 6.81 -6.75
CA ASN A 205 -11.19 7.57 -5.68
C ASN A 205 -11.24 9.08 -5.96
N VAL A 206 -11.06 9.52 -7.19
CA VAL A 206 -11.14 10.98 -7.50
C VAL A 206 -12.55 11.41 -7.17
N LEU A 207 -13.56 10.61 -7.53
CA LEU A 207 -14.96 10.98 -7.18
C LEU A 207 -15.14 11.06 -5.66
N ALA A 208 -14.60 10.10 -4.88
CA ALA A 208 -14.72 10.11 -3.41
C ALA A 208 -14.16 11.43 -2.88
N TRP A 209 -13.05 11.86 -3.45
CA TRP A 209 -12.30 13.05 -2.96
C TRP A 209 -13.08 14.31 -3.35
N LEU A 210 -13.76 14.29 -4.50
CA LEU A 210 -14.66 15.41 -4.89
C LEU A 210 -15.82 15.47 -3.90
N TYR A 211 -16.35 14.32 -3.48
CA TYR A 211 -17.37 14.24 -2.40
C TYR A 211 -16.79 14.84 -1.11
N ALA A 212 -15.60 14.40 -0.68
CA ALA A 212 -14.89 15.01 0.48
C ALA A 212 -14.89 16.54 0.36
N ALA A 213 -14.58 17.08 -0.83
CA ALA A 213 -14.40 18.53 -1.05
C ALA A 213 -15.74 19.23 -0.76
N VAL A 214 -16.85 18.62 -1.20
CA VAL A 214 -18.26 19.10 -1.08
C VAL A 214 -18.67 19.06 0.39
N ILE A 215 -18.35 17.98 1.11
CA ILE A 215 -18.61 17.83 2.58
C ILE A 215 -17.88 18.95 3.31
N ASN A 216 -16.69 19.34 2.86
CA ASN A 216 -15.88 20.45 3.43
C ASN A 216 -16.26 21.76 2.73
N GLY A 217 -17.49 21.83 2.22
CA GLY A 217 -18.11 23.03 1.63
C GLY A 217 -17.34 23.62 0.46
N ASP A 218 -16.41 22.88 -0.16
CA ASP A 218 -15.57 23.33 -1.31
C ASP A 218 -16.20 22.79 -2.62
N ARG A 219 -17.11 23.53 -3.24
CA ARG A 219 -18.08 22.96 -4.20
C ARG A 219 -18.14 23.75 -5.51
N TRP A 220 -17.15 24.62 -5.77
CA TRP A 220 -17.14 25.46 -7.00
C TRP A 220 -17.32 24.62 -8.27
N PHE A 221 -16.73 23.43 -8.31
CA PHE A 221 -16.61 22.58 -9.53
C PHE A 221 -17.95 21.91 -9.86
N LEU A 222 -18.94 21.99 -8.99
CA LEU A 222 -20.26 21.36 -9.25
C LEU A 222 -20.88 22.09 -10.44
N ASN A 223 -21.52 21.37 -11.33
CA ASN A 223 -22.29 21.94 -12.46
C ASN A 223 -23.68 21.29 -12.43
N ARG A 224 -24.62 21.83 -13.19
CA ARG A 224 -26.04 21.41 -13.15
C ARG A 224 -26.23 20.14 -14.00
N PHE A 225 -25.18 19.64 -14.68
CA PHE A 225 -25.30 18.53 -15.67
C PHE A 225 -25.17 17.17 -15.00
N THR A 226 -25.68 16.16 -15.72
CA THR A 226 -25.50 14.71 -15.43
C THR A 226 -24.83 14.08 -16.66
N THR A 227 -24.59 12.77 -16.61
CA THR A 227 -23.94 12.00 -17.70
C THR A 227 -24.34 10.53 -17.53
N THR A 228 -23.78 9.62 -18.32
CA THR A 228 -23.96 8.16 -18.17
C THR A 228 -22.59 7.54 -17.94
N LEU A 229 -22.53 6.39 -17.25
CA LEU A 229 -21.30 5.56 -17.21
C LEU A 229 -20.72 5.49 -18.61
N ASN A 230 -21.56 5.09 -19.58
CA ASN A 230 -21.23 4.98 -21.01
C ASN A 230 -20.47 6.25 -21.46
N ASP A 231 -21.07 7.43 -21.34
CA ASP A 231 -20.48 8.66 -21.92
C ASP A 231 -19.30 9.15 -21.06
N PHE A 232 -19.40 8.99 -19.76
CA PHE A 232 -18.28 9.39 -18.87
C PHE A 232 -17.04 8.56 -19.27
N ASN A 233 -17.24 7.26 -19.49
CA ASN A 233 -16.14 6.30 -19.69
C ASN A 233 -15.40 6.65 -20.99
N LEU A 234 -16.05 7.37 -21.92
CA LEU A 234 -15.38 7.88 -23.15
C LEU A 234 -14.31 8.90 -22.78
N VAL A 235 -14.64 9.84 -21.90
CA VAL A 235 -13.68 10.88 -21.45
C VAL A 235 -12.62 10.20 -20.58
N ALA A 236 -13.05 9.33 -19.67
CA ALA A 236 -12.16 8.53 -18.80
C ALA A 236 -11.04 7.92 -19.64
N MET A 237 -11.41 7.14 -20.66
CA MET A 237 -10.41 6.46 -21.52
C MET A 237 -9.48 7.50 -22.18
N LYS A 238 -10.00 8.67 -22.55
CA LYS A 238 -9.22 9.73 -23.21
C LYS A 238 -8.13 10.25 -22.27
N TYR A 239 -8.43 10.40 -20.97
CA TYR A 239 -7.52 11.01 -19.96
C TYR A 239 -6.91 9.93 -19.04
N ASN A 240 -6.85 8.67 -19.48
CA ASN A 240 -6.16 7.59 -18.73
C ASN A 240 -6.77 7.48 -17.32
N TYR A 241 -8.09 7.56 -17.22
CA TYR A 241 -8.86 7.28 -15.97
C TYR A 241 -9.44 5.85 -16.08
N GLU A 242 -9.46 5.08 -15.00
CA GLU A 242 -10.12 3.74 -14.99
C GLU A 242 -11.61 3.90 -15.32
N PRO A 243 -12.23 2.99 -16.10
CA PRO A 243 -13.66 3.07 -16.30
C PRO A 243 -14.41 2.90 -14.96
N LEU A 244 -15.53 3.58 -14.87
CA LEU A 244 -16.49 3.50 -13.74
C LEU A 244 -17.60 2.47 -14.02
N THR A 245 -17.92 1.67 -13.02
CA THR A 245 -18.91 0.58 -13.06
C THR A 245 -20.04 0.97 -12.11
N GLN A 246 -21.20 0.31 -12.19
CA GLN A 246 -22.31 0.49 -11.22
C GLN A 246 -21.81 0.12 -9.82
N ASP A 247 -20.90 -0.86 -9.71
CA ASP A 247 -20.31 -1.22 -8.40
C ASP A 247 -19.69 0.04 -7.80
N HIS A 248 -18.90 0.77 -8.58
CA HIS A 248 -18.31 2.06 -8.12
C HIS A 248 -19.44 3.00 -7.69
N VAL A 249 -20.52 3.05 -8.48
CA VAL A 249 -21.64 3.97 -8.18
C VAL A 249 -22.23 3.56 -6.83
N ASP A 250 -22.45 2.25 -6.62
CA ASP A 250 -23.03 1.69 -5.37
C ASP A 250 -22.10 2.00 -4.20
N ILE A 251 -20.80 1.80 -4.40
CA ILE A 251 -19.75 2.09 -3.37
C ILE A 251 -19.82 3.56 -2.95
N LEU A 252 -20.23 4.47 -3.82
CA LEU A 252 -20.23 5.95 -3.57
C LEU A 252 -21.58 6.41 -2.98
N GLY A 253 -22.53 5.48 -2.83
CA GLY A 253 -23.90 5.75 -2.33
C GLY A 253 -23.91 6.51 -1.00
N PRO A 254 -23.19 6.03 0.04
CA PRO A 254 -23.06 6.78 1.29
C PRO A 254 -22.64 8.24 1.11
N LEU A 255 -21.70 8.54 0.21
CA LEU A 255 -21.22 9.94 0.05
C LEU A 255 -22.25 10.71 -0.78
N SER A 256 -22.83 10.06 -1.78
CA SER A 256 -23.94 10.62 -2.58
C SER A 256 -25.09 10.99 -1.64
N ALA A 257 -25.65 9.98 -0.95
CA ALA A 257 -26.79 10.11 -0.01
C ALA A 257 -26.44 11.14 1.05
N GLN A 258 -25.20 11.10 1.54
CA GLN A 258 -24.69 12.06 2.56
C GLN A 258 -24.77 13.49 2.01
N THR A 259 -24.52 13.68 0.71
CA THR A 259 -24.35 15.04 0.10
C THR A 259 -25.59 15.45 -0.69
N GLY A 260 -26.44 14.50 -1.08
CA GLY A 260 -27.57 14.74 -2.00
C GLY A 260 -27.12 14.96 -3.43
N ILE A 261 -25.86 14.65 -3.77
CA ILE A 261 -25.40 14.71 -5.19
C ILE A 261 -25.36 13.28 -5.75
N ALA A 262 -26.08 13.05 -6.85
CA ALA A 262 -26.06 11.79 -7.61
C ALA A 262 -24.64 11.56 -8.12
N VAL A 263 -24.24 10.30 -8.20
CA VAL A 263 -22.88 9.90 -8.68
C VAL A 263 -22.67 10.41 -10.11
N LEU A 264 -23.65 10.19 -10.99
CA LEU A 264 -23.57 10.61 -12.42
C LEU A 264 -23.54 12.15 -12.51
N ASP A 265 -24.03 12.88 -11.52
CA ASP A 265 -23.89 14.37 -11.47
C ASP A 265 -22.44 14.74 -11.10
N MET A 266 -21.86 14.05 -10.13
CA MET A 266 -20.44 14.28 -9.77
C MET A 266 -19.55 13.97 -10.98
N CYS A 267 -19.87 12.90 -11.70
CA CYS A 267 -19.12 12.42 -12.88
C CYS A 267 -19.08 13.52 -13.97
N ALA A 268 -20.15 14.31 -14.13
CA ALA A 268 -20.23 15.44 -15.09
C ALA A 268 -19.27 16.56 -14.66
N SER A 269 -19.19 16.83 -13.35
CA SER A 269 -18.24 17.81 -12.78
C SER A 269 -16.80 17.36 -13.07
N LEU A 270 -16.49 16.08 -12.86
CA LEU A 270 -15.14 15.53 -13.16
C LEU A 270 -14.82 15.70 -14.65
N LYS A 271 -15.76 15.35 -15.54
CA LYS A 271 -15.62 15.56 -17.02
C LYS A 271 -15.14 16.99 -17.33
N GLU A 272 -15.79 18.01 -16.77
CA GLU A 272 -15.49 19.45 -16.99
C GLU A 272 -14.08 19.77 -16.48
N LEU A 273 -13.70 19.27 -15.31
CA LEU A 273 -12.36 19.46 -14.70
C LEU A 273 -11.27 18.88 -15.62
N LEU A 274 -11.48 17.69 -16.19
CA LEU A 274 -10.48 17.01 -17.06
C LEU A 274 -10.28 17.83 -18.35
N GLN A 275 -11.38 18.36 -18.89
CA GLN A 275 -11.40 19.06 -20.19
C GLN A 275 -10.88 20.49 -20.03
N ASN A 276 -11.26 21.17 -18.95
CA ASN A 276 -11.00 22.62 -18.75
C ASN A 276 -9.82 22.82 -17.80
N GLY A 277 -9.43 21.79 -17.04
CA GLY A 277 -8.42 21.96 -15.96
C GLY A 277 -9.02 22.76 -14.84
N MET A 278 -8.20 23.28 -13.93
CA MET A 278 -8.70 23.90 -12.67
C MET A 278 -8.53 25.43 -12.68
N ASN A 279 -8.08 26.04 -13.80
CA ASN A 279 -8.05 27.52 -13.96
C ASN A 279 -7.32 28.19 -12.80
N GLY A 280 -6.36 27.51 -12.16
CA GLY A 280 -5.63 28.03 -11.00
C GLY A 280 -6.44 28.05 -9.72
N ARG A 281 -7.57 27.33 -9.68
CA ARG A 281 -8.37 27.09 -8.45
C ARG A 281 -7.86 25.80 -7.81
N THR A 282 -8.09 25.65 -6.51
CA THR A 282 -7.66 24.48 -5.72
C THR A 282 -8.92 23.75 -5.24
N ILE A 283 -8.79 22.45 -4.96
CA ILE A 283 -9.86 21.66 -4.28
C ILE A 283 -9.21 21.05 -3.04
N LEU A 284 -9.77 21.33 -1.87
CA LEU A 284 -9.20 20.87 -0.58
C LEU A 284 -7.70 21.18 -0.54
N GLY A 285 -7.30 22.40 -0.91
CA GLY A 285 -5.91 22.87 -0.79
C GLY A 285 -4.97 22.07 -1.67
N SER A 286 -5.46 21.60 -2.81
CA SER A 286 -4.65 20.91 -3.85
C SER A 286 -5.00 21.51 -5.20
N ALA A 287 -3.99 21.65 -6.06
CA ALA A 287 -4.07 22.16 -7.44
C ALA A 287 -4.13 21.01 -8.46
N LEU A 288 -4.32 19.77 -8.00
CA LEU A 288 -4.47 18.59 -8.89
C LEU A 288 -5.57 17.69 -8.31
N LEU A 289 -6.09 16.81 -9.15
CA LEU A 289 -7.09 15.80 -8.76
C LEU A 289 -6.36 14.64 -8.04
N GLU A 290 -6.80 14.39 -6.82
CA GLU A 290 -6.24 13.37 -5.89
C GLU A 290 -7.00 12.05 -6.06
N ASP A 291 -6.28 10.95 -6.16
CA ASP A 291 -6.91 9.62 -6.43
C ASP A 291 -6.44 8.59 -5.39
N GLU A 292 -5.87 9.00 -4.25
CA GLU A 292 -5.40 7.99 -3.27
C GLU A 292 -6.25 8.04 -2.00
N PHE A 293 -7.49 8.54 -2.07
CA PHE A 293 -8.53 8.34 -1.04
C PHE A 293 -9.66 7.47 -1.60
N THR A 294 -9.91 6.34 -0.96
CA THR A 294 -11.05 5.46 -1.31
C THR A 294 -12.31 6.08 -0.72
N PRO A 295 -13.50 5.67 -1.21
CA PRO A 295 -14.75 6.10 -0.59
C PRO A 295 -14.77 5.80 0.92
N PHE A 296 -14.29 4.62 1.33
CA PHE A 296 -14.17 4.25 2.76
C PHE A 296 -13.28 5.26 3.49
N ASP A 297 -12.14 5.63 2.91
CA ASP A 297 -11.22 6.62 3.50
C ASP A 297 -11.95 7.95 3.78
N VAL A 298 -12.74 8.40 2.81
CA VAL A 298 -13.45 9.72 2.95
C VAL A 298 -14.48 9.62 4.08
N VAL A 299 -15.27 8.54 4.09
CA VAL A 299 -16.35 8.26 5.09
C VAL A 299 -15.74 8.22 6.49
N ARG A 300 -14.57 7.56 6.66
CA ARG A 300 -13.87 7.43 7.97
C ARG A 300 -13.43 8.83 8.43
N GLN A 301 -12.82 9.61 7.55
CA GLN A 301 -12.33 10.96 7.91
C GLN A 301 -13.53 11.89 8.13
N CYS A 302 -14.64 11.71 7.40
CA CYS A 302 -15.84 12.61 7.47
C CYS A 302 -16.97 12.02 8.32
N SER A 303 -16.75 10.90 9.02
CA SER A 303 -17.72 10.30 9.98
C SER A 303 -17.05 9.93 11.31
N GLY A 304 -15.73 9.71 11.32
CA GLY A 304 -14.91 9.65 12.55
C GLY A 304 -14.76 8.24 13.09
N VAL A 305 -14.66 7.25 12.20
CA VAL A 305 -14.50 5.79 12.55
C VAL A 305 -13.19 5.64 13.34
N THR A 306 -13.24 4.92 14.47
CA THR A 306 -12.10 4.64 15.39
C THR A 306 -11.85 3.12 15.48
N PHE A 307 -10.76 2.73 16.17
CA PHE A 307 -10.27 1.33 16.27
C PHE A 307 -9.86 1.03 17.72
N LEU B 2 16.25 -1.85 -7.73
CA LEU B 2 17.04 -1.88 -6.54
C LEU B 2 16.33 -2.79 -5.48
N LEU B 3 16.88 -3.92 -5.01
CA LEU B 3 16.28 -4.72 -3.96
C LEU B 3 16.58 -3.88 -2.65
#